data_8V5U
#
_entry.id   8V5U
#
_cell.length_a   34.452
_cell.length_b   52.901
_cell.length_c   68.753
_cell.angle_alpha   90.00
_cell.angle_beta   92.52
_cell.angle_gamma   90.00
#
_symmetry.space_group_name_H-M   'P 1 21 1'
#
loop_
_entity.id
_entity.type
_entity.pdbx_description
1 polymer 'NAD-dependent protein deacetylase sirtuin-3, mitochondrial'
2 polymer 'p53-AMC peptide'
3 non-polymer 'ZINC ION'
4 non-polymer "(1P)-3',5-di(prop-2-en-1-yl)[1,1'-biphenyl]-2,4'-diol"
5 water water
#
loop_
_entity_poly.entity_id
_entity_poly.type
_entity_poly.pdbx_seq_one_letter_code
_entity_poly.pdbx_strand_id
1 'polypeptide(L)'
;SDKGKLSLQDVAELIRARACQRVVVMVGAGISTPSGIPDFRSPGSGLYSNLQQYDLPYPEAIFELPFFFHNPKPFFTLAK
ELYPGNYKPNVTHYFLRLLHDKGLLLRLYTQNIDGLERVSGIPASKLVEAHGTFASATCTVCQRPFPGEDIRADVMADRV
PRCPVCTGVVKPDIVFFGEPLPQRFLLHVVDFPMADLLLILGTSLEVEPFASLTEAVRSSVPRLLINRDLVGPLAWHPRS
RDVAQLGDVVHGVESLVELLGWTEEMRDLVQRETGKLDGPDK
;
A
2 'polypeptide(L)' QPK(ALY)(MCM) B
#
# COMPACT_ATOMS: atom_id res chain seq x y z
N GLY A 4 -24.39 -11.56 18.13
CA GLY A 4 -23.21 -11.64 19.01
C GLY A 4 -21.92 -11.07 18.39
N LYS A 5 -21.92 -10.84 17.08
CA LYS A 5 -20.78 -10.35 16.34
C LYS A 5 -20.41 -8.92 16.77
N LEU A 6 -19.11 -8.62 16.70
CA LEU A 6 -18.68 -7.24 16.85
C LEU A 6 -19.22 -6.38 15.72
N SER A 7 -19.46 -5.11 16.08
CA SER A 7 -19.87 -4.06 15.15
C SER A 7 -18.69 -3.12 14.85
N LEU A 8 -18.82 -2.40 13.76
CA LEU A 8 -17.89 -1.32 13.46
C LEU A 8 -17.78 -0.39 14.68
N GLN A 9 -18.92 -0.03 15.28
CA GLN A 9 -18.89 0.86 16.41
C GLN A 9 -18.13 0.23 17.58
N ASP A 10 -18.30 -1.08 17.83
CA ASP A 10 -17.55 -1.72 18.90
C ASP A 10 -16.06 -1.51 18.71
N VAL A 11 -15.61 -1.71 17.46
CA VAL A 11 -14.21 -1.57 17.16
C VAL A 11 -13.83 -0.10 17.31
N ALA A 12 -14.65 0.84 16.80
CA ALA A 12 -14.34 2.24 17.05
C ALA A 12 -14.14 2.53 18.54
N GLU A 13 -14.99 1.96 19.40
CA GLU A 13 -14.89 2.24 20.83
C GLU A 13 -13.66 1.62 21.43
N LEU A 14 -13.27 0.43 20.94
CA LEU A 14 -12.03 -0.14 21.45
C LEU A 14 -10.85 0.76 21.12
N ILE A 15 -10.83 1.31 19.91
CA ILE A 15 -9.73 2.18 19.51
C ILE A 15 -9.73 3.45 20.37
N ARG A 16 -10.89 4.08 20.47
CA ARG A 16 -11.02 5.34 21.17
C ARG A 16 -10.60 5.16 22.62
N ALA A 17 -10.88 3.98 23.19
CA ALA A 17 -10.54 3.73 24.57
C ALA A 17 -9.11 3.22 24.78
N ARG A 18 -8.38 3.04 23.68
CA ARG A 18 -7.04 2.48 23.68
C ARG A 18 -7.06 1.04 24.19
N ALA A 19 -8.18 0.34 24.09
CA ALA A 19 -8.21 -1.09 24.32
C ALA A 19 -7.50 -1.82 23.19
N CYS A 20 -7.67 -1.30 21.98
CA CYS A 20 -6.82 -1.63 20.83
C CYS A 20 -5.88 -0.47 20.60
N GLN A 21 -4.57 -0.65 20.82
CA GLN A 21 -3.61 0.42 20.63
C GLN A 21 -2.33 -0.02 19.93
N ARG A 22 -2.35 -1.23 19.39
CA ARG A 22 -1.30 -1.80 18.59
C ARG A 22 -1.91 -2.31 17.30
N VAL A 23 -2.30 -1.37 16.46
CA VAL A 23 -3.05 -1.70 15.27
C VAL A 23 -2.10 -2.00 14.12
N VAL A 24 -2.25 -3.15 13.47
CA VAL A 24 -1.56 -3.46 12.24
C VAL A 24 -2.53 -3.29 11.10
N VAL A 25 -2.10 -2.67 10.02
CA VAL A 25 -2.94 -2.32 8.90
C VAL A 25 -2.35 -2.93 7.65
N MET A 26 -3.19 -3.49 6.81
CA MET A 26 -2.83 -3.99 5.51
C MET A 26 -3.63 -3.24 4.47
N VAL A 27 -2.97 -2.65 3.46
CA VAL A 27 -3.66 -1.87 2.48
C VAL A 27 -3.29 -2.32 1.08
N GLY A 28 -4.19 -2.03 0.16
CA GLY A 28 -3.90 -2.29 -1.25
C GLY A 28 -4.51 -1.23 -2.15
N ALA A 29 -4.77 -1.65 -3.40
CA ALA A 29 -5.11 -0.72 -4.46
C ALA A 29 -6.40 0.03 -4.16
N GLY A 30 -7.34 -0.50 -3.38
CA GLY A 30 -8.58 0.20 -3.05
C GLY A 30 -8.35 1.54 -2.34
N ILE A 31 -7.19 1.75 -1.71
CA ILE A 31 -6.88 3.06 -1.17
C ILE A 31 -6.12 3.94 -2.15
N SER A 32 -5.67 3.41 -3.28
CA SER A 32 -4.94 4.20 -4.29
C SER A 32 -5.97 4.80 -5.26
N THR A 33 -7.06 4.10 -5.55
CA THR A 33 -7.90 4.50 -6.68
C THR A 33 -8.65 5.80 -6.37
N PRO A 34 -8.98 6.12 -5.11
CA PRO A 34 -9.56 7.43 -4.80
C PRO A 34 -8.67 8.64 -5.08
N SER A 35 -7.33 8.46 -5.07
CA SER A 35 -6.39 9.48 -5.46
C SER A 35 -6.25 9.60 -6.97
N GLY A 36 -6.87 8.70 -7.73
CA GLY A 36 -6.85 8.70 -9.19
C GLY A 36 -5.75 7.80 -9.77
N ILE A 37 -5.12 6.98 -8.93
CA ILE A 37 -4.00 6.14 -9.33
C ILE A 37 -4.59 5.17 -10.33
N PRO A 38 -3.94 4.88 -11.48
CA PRO A 38 -4.42 3.85 -12.39
C PRO A 38 -4.63 2.49 -11.72
N ASP A 39 -5.73 1.82 -12.03
CA ASP A 39 -6.04 0.52 -11.47
C ASP A 39 -5.25 -0.54 -12.25
N PHE A 40 -3.92 -0.45 -12.16
CA PHE A 40 -3.01 -1.30 -12.93
C PHE A 40 -3.08 -2.78 -12.49
N ARG A 41 -3.70 -3.09 -11.34
CA ARG A 41 -3.88 -4.47 -10.90
C ARG A 41 -5.04 -5.10 -11.65
N SER A 42 -5.83 -4.28 -12.36
CA SER A 42 -6.98 -4.76 -13.10
C SER A 42 -6.59 -4.94 -14.57
N PRO A 43 -6.76 -6.15 -15.16
CA PRO A 43 -6.34 -6.38 -16.56
C PRO A 43 -7.16 -5.54 -17.55
N GLY A 44 -8.33 -5.08 -17.09
CA GLY A 44 -9.20 -4.22 -17.89
C GLY A 44 -8.95 -2.74 -17.64
N SER A 45 -7.85 -2.44 -16.93
CA SER A 45 -7.37 -1.08 -16.78
C SER A 45 -7.08 -0.50 -18.16
N GLY A 46 -7.50 0.76 -18.40
CA GLY A 46 -7.15 1.46 -19.62
C GLY A 46 -5.63 1.51 -19.86
N LEU A 47 -4.83 1.01 -18.88
CA LEU A 47 -3.37 0.98 -18.96
C LEU A 47 -2.92 -0.03 -20.00
N TYR A 48 -3.61 -1.17 -20.00
CA TYR A 48 -3.32 -2.22 -20.96
C TYR A 48 -4.01 -1.87 -22.28
N SER A 49 -4.52 -0.63 -22.38
CA SER A 49 -4.91 -0.02 -23.65
C SER A 49 -3.75 0.84 -24.20
N ASN A 50 -3.12 1.65 -23.34
CA ASN A 50 -1.87 2.29 -23.71
C ASN A 50 -0.89 1.24 -24.20
N LEU A 51 -0.63 0.26 -23.35
CA LEU A 51 0.49 -0.66 -23.48
C LEU A 51 0.15 -1.76 -24.49
N TYR A 54 5.27 -0.50 -25.02
CA TYR A 54 5.33 -1.18 -26.34
C TYR A 54 4.31 -2.31 -26.37
N ASP A 55 4.75 -3.54 -26.73
CA ASP A 55 3.84 -4.67 -26.98
C ASP A 55 3.97 -5.68 -25.84
N LEU A 56 3.00 -5.61 -24.90
CA LEU A 56 3.07 -6.34 -23.64
C LEU A 56 2.34 -7.68 -23.75
N PRO A 57 2.98 -8.84 -23.49
CA PRO A 57 2.38 -10.14 -23.78
C PRO A 57 1.23 -10.53 -22.87
N TYR A 58 1.32 -10.05 -21.62
CA TYR A 58 0.30 -10.23 -20.57
C TYR A 58 0.62 -9.20 -19.49
N PRO A 59 -0.39 -8.72 -18.74
CA PRO A 59 -0.19 -7.62 -17.79
C PRO A 59 0.96 -7.80 -16.79
N GLU A 60 1.08 -9.01 -16.22
CA GLU A 60 2.08 -9.25 -15.19
C GLU A 60 3.53 -9.06 -15.71
N ALA A 61 3.77 -9.07 -17.03
CA ALA A 61 5.11 -8.93 -17.58
C ALA A 61 5.74 -7.59 -17.20
N ILE A 62 4.88 -6.62 -16.87
CA ILE A 62 5.36 -5.30 -16.53
C ILE A 62 6.23 -5.36 -15.25
N PHE A 63 6.05 -6.38 -14.42
CA PHE A 63 6.86 -6.55 -13.23
C PHE A 63 7.62 -7.88 -13.29
N GLU A 64 8.00 -8.31 -14.51
CA GLU A 64 8.86 -9.47 -14.67
C GLU A 64 10.24 -9.03 -15.14
N LEU A 65 11.29 -9.49 -14.46
CA LEU A 65 12.61 -9.04 -14.81
C LEU A 65 12.96 -9.43 -16.24
N PRO A 66 12.71 -10.69 -16.70
CA PRO A 66 13.17 -11.10 -18.04
C PRO A 66 12.58 -10.21 -19.13
N PHE A 67 11.31 -9.86 -18.94
CA PHE A 67 10.62 -8.98 -19.88
C PHE A 67 11.21 -7.57 -19.81
N PHE A 68 11.47 -7.13 -18.59
CA PHE A 68 12.00 -5.80 -18.36
C PHE A 68 13.32 -5.61 -19.11
N PHE A 69 14.16 -6.63 -19.08
CA PHE A 69 15.48 -6.52 -19.70
C PHE A 69 15.37 -6.49 -21.21
N HIS A 70 14.38 -7.23 -21.74
CA HIS A 70 14.06 -7.23 -23.15
C HIS A 70 13.49 -5.89 -23.57
N ASN A 71 12.47 -5.42 -22.84
CA ASN A 71 11.76 -4.19 -23.16
C ASN A 71 11.33 -3.47 -21.89
N PRO A 72 12.09 -2.50 -21.38
CA PRO A 72 11.68 -1.81 -20.15
C PRO A 72 10.74 -0.62 -20.34
N LYS A 73 10.34 -0.34 -21.60
CA LYS A 73 9.48 0.81 -21.86
C LYS A 73 8.12 0.68 -21.18
N PRO A 74 7.40 -0.47 -21.22
CA PRO A 74 6.13 -0.60 -20.53
C PRO A 74 6.21 -0.26 -19.04
N PHE A 75 7.20 -0.84 -18.36
CA PHE A 75 7.37 -0.50 -16.95
C PHE A 75 7.58 1.00 -16.72
N PHE A 76 8.44 1.64 -17.52
CA PHE A 76 8.73 3.05 -17.34
C PHE A 76 7.52 3.92 -17.68
N THR A 77 6.57 3.46 -18.51
CA THR A 77 5.35 4.21 -18.72
C THR A 77 4.56 4.28 -17.42
N LEU A 78 4.48 3.13 -16.73
CA LEU A 78 3.84 3.11 -15.43
C LEU A 78 4.62 3.94 -14.41
N ALA A 79 5.96 3.85 -14.45
CA ALA A 79 6.81 4.64 -13.57
C ALA A 79 6.56 6.13 -13.76
N LYS A 80 6.56 6.61 -15.01
CA LYS A 80 6.22 8.01 -15.24
C LYS A 80 4.87 8.34 -14.60
N GLU A 81 3.87 7.49 -14.80
CA GLU A 81 2.51 7.70 -14.30
C GLU A 81 2.52 7.84 -12.77
N LEU A 82 3.30 6.98 -12.08
CA LEU A 82 3.23 6.86 -10.63
C LEU A 82 4.28 7.68 -9.91
N TYR A 83 5.14 8.40 -10.63
CA TYR A 83 6.32 8.97 -10.03
C TYR A 83 5.91 9.97 -8.95
N PRO A 84 6.73 10.15 -7.89
CA PRO A 84 6.44 11.16 -6.85
C PRO A 84 5.99 12.52 -7.43
N GLY A 85 4.91 13.03 -6.80
CA GLY A 85 4.35 14.33 -7.09
C GLY A 85 3.14 14.28 -8.00
N ASN A 86 2.95 13.17 -8.72
CA ASN A 86 1.86 13.07 -9.68
C ASN A 86 0.51 12.95 -8.97
N TYR A 87 0.51 12.34 -7.76
CA TYR A 87 -0.72 12.07 -7.00
C TYR A 87 -0.61 12.52 -5.55
N LYS A 88 -1.76 12.76 -4.93
CA LYS A 88 -1.91 13.28 -3.59
C LYS A 88 -2.59 12.20 -2.76
N PRO A 89 -2.17 12.00 -1.48
CA PRO A 89 -2.88 11.12 -0.56
C PRO A 89 -4.32 11.54 -0.34
N ASN A 90 -5.17 10.55 -0.07
CA ASN A 90 -6.58 10.80 0.12
C ASN A 90 -6.94 10.57 1.58
N VAL A 91 -8.23 10.75 1.89
CA VAL A 91 -8.69 10.66 3.27
C VAL A 91 -8.34 9.32 3.93
N THR A 92 -8.25 8.21 3.15
CA THR A 92 -7.87 6.92 3.71
C THR A 92 -6.45 7.02 4.26
N HIS A 93 -5.56 7.64 3.49
CA HIS A 93 -4.16 7.78 3.90
C HIS A 93 -4.07 8.65 5.16
N TYR A 94 -4.82 9.75 5.17
CA TYR A 94 -4.78 10.62 6.33
C TYR A 94 -5.41 9.97 7.54
N PHE A 95 -6.42 9.11 7.36
CA PHE A 95 -6.89 8.33 8.49
C PHE A 95 -5.76 7.52 9.13
N LEU A 96 -4.96 6.87 8.29
CA LEU A 96 -3.84 6.08 8.80
C LEU A 96 -2.78 6.97 9.46
N ARG A 97 -2.57 8.15 8.90
CA ARG A 97 -1.66 9.09 9.52
C ARG A 97 -2.17 9.53 10.90
N LEU A 98 -3.49 9.73 11.05
CA LEU A 98 -4.06 10.08 12.35
C LEU A 98 -3.87 8.93 13.34
N LEU A 99 -4.08 7.69 12.89
CA LEU A 99 -3.85 6.53 13.75
CA LEU A 99 -3.83 6.51 13.71
C LEU A 99 -2.42 6.58 14.27
N HIS A 100 -1.47 6.89 13.41
CA HIS A 100 -0.10 7.05 13.87
C HIS A 100 0.06 8.17 14.88
N ASP A 101 -0.46 9.34 14.53
CA ASP A 101 -0.33 10.50 15.37
C ASP A 101 -0.88 10.27 16.78
N LYS A 102 -1.96 9.49 16.86
CA LYS A 102 -2.60 9.16 18.12
C LYS A 102 -1.88 8.04 18.87
N GLY A 103 -0.80 7.49 18.32
CA GLY A 103 -0.03 6.49 19.05
C GLY A 103 -0.68 5.10 19.03
N LEU A 104 -1.35 4.77 17.94
CA LEU A 104 -2.15 3.55 17.80
C LEU A 104 -1.63 2.64 16.71
N LEU A 105 -0.73 3.12 15.85
CA LEU A 105 -0.27 2.38 14.69
C LEU A 105 0.98 1.61 15.08
N LEU A 106 0.88 0.28 15.10
CA LEU A 106 2.08 -0.53 15.22
C LEU A 106 2.80 -0.58 13.86
N ARG A 107 2.10 -0.93 12.77
CA ARG A 107 2.72 -1.01 11.46
C ARG A 107 1.66 -0.97 10.37
N LEU A 108 2.03 -0.38 9.24
CA LEU A 108 1.21 -0.36 8.05
C LEU A 108 1.96 -1.09 6.95
N TYR A 109 1.39 -2.20 6.49
CA TYR A 109 1.87 -3.01 5.40
C TYR A 109 1.11 -2.64 4.15
N THR A 110 1.85 -2.20 3.13
CA THR A 110 1.26 -1.78 1.87
C THR A 110 1.75 -2.65 0.71
N GLN A 111 0.82 -3.00 -0.15
CA GLN A 111 1.13 -3.63 -1.41
C GLN A 111 1.26 -2.58 -2.51
N ASN A 112 0.96 -1.34 -2.18
CA ASN A 112 0.97 -0.28 -3.19
C ASN A 112 2.39 0.25 -3.44
N ILE A 113 2.61 0.78 -4.64
CA ILE A 113 3.90 1.35 -5.01
C ILE A 113 3.80 2.84 -5.29
N ASP A 114 2.68 3.46 -4.96
CA ASP A 114 2.48 4.88 -5.22
C ASP A 114 3.12 5.80 -4.18
N GLY A 115 3.59 5.25 -3.06
CA GLY A 115 4.28 6.03 -2.08
C GLY A 115 3.38 6.98 -1.30
N LEU A 116 2.06 6.79 -1.36
CA LEU A 116 1.19 7.78 -0.78
C LEU A 116 1.17 7.69 0.74
N GLU A 117 1.47 6.50 1.28
CA GLU A 117 1.60 6.38 2.72
C GLU A 117 2.70 7.29 3.28
N ARG A 118 3.90 7.25 2.69
CA ARG A 118 5.02 8.11 3.00
C ARG A 118 4.65 9.59 2.83
N VAL A 119 3.96 9.90 1.73
CA VAL A 119 3.66 11.30 1.42
C VAL A 119 2.67 11.86 2.43
N SER A 120 1.78 11.01 2.99
CA SER A 120 0.87 11.44 4.06
C SER A 120 1.59 11.80 5.36
N GLY A 121 2.87 11.48 5.48
CA GLY A 121 3.66 11.86 6.63
C GLY A 121 3.86 10.77 7.67
N ILE A 122 3.43 9.56 7.36
CA ILE A 122 3.67 8.45 8.28
C ILE A 122 5.17 8.14 8.17
N PRO A 123 5.89 8.09 9.31
CA PRO A 123 7.33 7.87 9.23
C PRO A 123 7.66 6.48 8.72
N ALA A 124 8.84 6.33 8.12
CA ALA A 124 9.26 5.08 7.51
C ALA A 124 9.30 3.93 8.51
N SER A 125 9.58 4.22 9.79
CA SER A 125 9.60 3.20 10.84
C SER A 125 8.29 2.44 10.92
N LYS A 126 7.20 3.08 10.55
CA LYS A 126 5.88 2.46 10.68
C LYS A 126 5.41 1.77 9.40
N LEU A 127 6.19 1.84 8.31
CA LEU A 127 5.75 1.41 7.00
C LEU A 127 6.55 0.20 6.60
N VAL A 128 5.84 -0.73 5.98
CA VAL A 128 6.42 -1.85 5.28
C VAL A 128 5.93 -1.74 3.84
N GLU A 129 6.80 -1.21 3.01
CA GLU A 129 6.49 -1.09 1.59
C GLU A 129 6.84 -2.43 0.93
N ALA A 130 5.88 -3.34 0.95
CA ALA A 130 6.18 -4.72 0.64
C ALA A 130 6.55 -4.91 -0.82
N HIS A 131 6.15 -3.99 -1.71
CA HIS A 131 6.43 -4.14 -3.13
C HIS A 131 7.41 -3.08 -3.61
N GLY A 132 8.17 -2.48 -2.69
CA GLY A 132 9.18 -1.51 -3.02
C GLY A 132 8.65 -0.09 -3.19
N THR A 133 9.46 0.75 -3.85
CA THR A 133 9.35 2.20 -3.86
C THR A 133 10.02 2.81 -5.07
N PHE A 134 9.44 3.92 -5.54
CA PHE A 134 10.04 4.81 -6.54
C PHE A 134 11.00 5.80 -5.90
N ALA A 135 11.17 5.76 -4.58
CA ALA A 135 11.98 6.79 -3.94
C ALA A 135 13.46 6.57 -4.27
N SER A 136 13.80 5.36 -4.70
CA SER A 136 15.20 5.01 -4.94
C SER A 136 15.27 4.06 -6.11
N ALA A 137 16.45 3.93 -6.71
CA ALA A 137 16.62 3.05 -7.86
C ALA A 137 17.99 2.39 -7.75
N THR A 138 18.21 1.37 -8.57
CA THR A 138 19.42 0.60 -8.53
C THR A 138 19.77 0.26 -9.97
N CYS A 139 21.06 0.40 -10.32
CA CYS A 139 21.48 -0.08 -11.63
C CYS A 139 21.40 -1.60 -11.70
N THR A 140 20.84 -2.11 -12.79
CA THR A 140 20.62 -3.53 -12.98
C THR A 140 21.93 -4.28 -13.26
N VAL A 141 23.00 -3.54 -13.60
CA VAL A 141 24.26 -4.20 -13.93
C VAL A 141 25.27 -4.02 -12.80
N CYS A 142 25.60 -2.77 -12.41
CA CYS A 142 26.65 -2.59 -11.43
C CYS A 142 26.12 -2.46 -10.01
N GLN A 143 24.79 -2.34 -9.84
CA GLN A 143 24.14 -2.38 -8.52
C GLN A 143 24.26 -1.05 -7.77
N ARG A 144 24.69 0.01 -8.45
CA ARG A 144 24.85 1.32 -7.87
C ARG A 144 23.48 1.87 -7.46
N PRO A 145 23.32 2.35 -6.21
CA PRO A 145 22.06 2.95 -5.76
C PRO A 145 21.92 4.40 -6.15
N PHE A 146 20.68 4.82 -6.41
CA PHE A 146 20.39 6.15 -6.88
C PHE A 146 19.13 6.65 -6.18
N PRO A 147 19.12 7.92 -5.70
CA PRO A 147 17.88 8.58 -5.30
C PRO A 147 16.98 8.68 -6.52
N GLY A 148 15.65 8.60 -6.33
CA GLY A 148 14.73 8.64 -7.45
C GLY A 148 14.75 9.95 -8.23
N GLU A 149 15.10 11.06 -7.56
CA GLU A 149 15.24 12.35 -8.22
C GLU A 149 16.30 12.29 -9.33
N ASP A 150 17.34 11.45 -9.14
CA ASP A 150 18.46 11.42 -10.07
C ASP A 150 18.04 10.83 -11.43
N ILE A 151 16.91 10.12 -11.51
CA ILE A 151 16.46 9.60 -12.81
C ILE A 151 15.13 10.26 -13.24
N ARG A 152 14.67 11.24 -12.47
CA ARG A 152 13.40 11.89 -12.70
C ARG A 152 13.31 12.49 -14.10
N ALA A 153 14.31 13.28 -14.51
CA ALA A 153 14.22 13.99 -15.77
C ALA A 153 14.04 12.98 -16.91
N ASP A 154 14.84 11.90 -16.88
CA ASP A 154 14.74 10.80 -17.84
C ASP A 154 13.33 10.19 -17.87
N VAL A 155 12.81 9.86 -16.69
CA VAL A 155 11.53 9.16 -16.58
C VAL A 155 10.41 10.04 -17.15
N MET A 156 10.47 11.34 -16.83
CA MET A 156 9.42 12.26 -17.21
C MET A 156 9.50 12.60 -18.69
N ALA A 157 10.69 12.43 -19.30
CA ALA A 157 10.92 12.63 -20.72
C ALA A 157 10.78 11.32 -21.51
N ASP A 158 10.28 10.26 -20.86
CA ASP A 158 10.11 8.97 -21.53
C ASP A 158 11.42 8.37 -22.00
N ARG A 159 12.53 8.70 -21.32
CA ARG A 159 13.83 8.12 -21.65
C ARG A 159 14.10 7.01 -20.65
N VAL A 160 14.65 5.87 -21.13
CA VAL A 160 15.08 4.82 -20.22
C VAL A 160 16.34 5.31 -19.52
N PRO A 161 16.35 5.40 -18.17
CA PRO A 161 17.51 5.93 -17.48
C PRO A 161 18.67 4.95 -17.55
N ARG A 162 19.83 5.47 -17.93
CA ARG A 162 21.05 4.71 -18.09
C ARG A 162 22.02 5.07 -16.96
N CYS A 163 22.75 4.06 -16.49
CA CYS A 163 23.76 4.24 -15.45
C CYS A 163 24.95 5.01 -15.99
N PRO A 164 25.45 6.04 -15.27
CA PRO A 164 26.65 6.76 -15.72
C PRO A 164 27.93 5.94 -15.59
N VAL A 165 27.87 4.78 -14.93
CA VAL A 165 29.06 4.01 -14.66
C VAL A 165 29.18 2.94 -15.73
N CYS A 166 28.11 2.19 -15.95
CA CYS A 166 28.19 1.00 -16.79
C CYS A 166 27.16 0.97 -17.91
N THR A 167 26.31 2.01 -18.01
CA THR A 167 25.21 2.13 -18.96
C THR A 167 24.13 1.05 -18.80
N GLY A 168 24.22 0.21 -17.77
CA GLY A 168 23.07 -0.60 -17.37
C GLY A 168 21.83 0.27 -17.20
N VAL A 169 20.66 -0.37 -17.28
CA VAL A 169 19.42 0.34 -17.05
C VAL A 169 19.25 0.55 -15.54
N VAL A 170 18.86 1.76 -15.13
CA VAL A 170 18.62 2.07 -13.72
C VAL A 170 17.15 1.87 -13.40
N LYS A 171 16.85 0.87 -12.59
CA LYS A 171 15.54 0.36 -12.33
C LYS A 171 15.09 0.87 -10.95
N PRO A 172 13.99 1.65 -10.91
CA PRO A 172 13.34 1.92 -9.62
C PRO A 172 13.26 0.70 -8.75
N ASP A 173 13.30 0.92 -7.42
CA ASP A 173 13.38 -0.14 -6.43
C ASP A 173 12.01 -0.77 -6.17
N ILE A 174 11.32 -1.10 -7.26
CA ILE A 174 10.09 -1.88 -7.21
C ILE A 174 10.42 -3.36 -7.25
N VAL A 175 9.70 -4.11 -6.42
CA VAL A 175 9.90 -5.55 -6.30
C VAL A 175 9.16 -6.19 -7.48
N PHE A 176 9.93 -6.98 -8.25
CA PHE A 176 9.37 -7.71 -9.38
C PHE A 176 9.15 -9.14 -8.94
N PHE A 177 8.21 -9.81 -9.60
CA PHE A 177 7.98 -11.25 -9.44
C PHE A 177 9.30 -12.01 -9.39
N GLY A 178 9.44 -12.87 -8.37
CA GLY A 178 10.57 -13.79 -8.24
C GLY A 178 11.73 -13.12 -7.52
N GLU A 179 11.59 -11.83 -7.22
CA GLU A 179 12.64 -11.18 -6.46
C GLU A 179 12.30 -11.43 -5.00
N PRO A 180 13.33 -11.39 -4.12
CA PRO A 180 13.09 -11.41 -2.68
C PRO A 180 12.14 -10.25 -2.39
N LEU A 181 11.12 -10.52 -1.57
CA LEU A 181 10.43 -9.43 -0.90
C LEU A 181 11.45 -8.69 -0.07
N PRO A 182 11.22 -7.39 0.26
CA PRO A 182 12.08 -6.58 1.13
C PRO A 182 12.23 -7.28 2.48
N GLN A 183 13.39 -7.04 3.10
CA GLN A 183 13.69 -7.49 4.45
C GLN A 183 12.57 -7.14 5.44
N ARG A 184 12.06 -5.91 5.31
CA ARG A 184 11.07 -5.42 6.25
C ARG A 184 9.77 -6.22 6.15
N PHE A 185 9.55 -6.96 5.05
CA PHE A 185 8.34 -7.76 4.98
C PHE A 185 8.31 -8.73 6.16
N LEU A 186 9.48 -9.26 6.49
CA LEU A 186 9.52 -10.29 7.51
C LEU A 186 9.28 -9.73 8.90
N LEU A 187 9.13 -8.42 9.06
CA LEU A 187 8.62 -7.92 10.33
C LEU A 187 7.26 -8.54 10.63
N HIS A 188 6.55 -9.12 9.65
CA HIS A 188 5.23 -9.66 9.97
C HIS A 188 5.31 -10.68 11.09
N VAL A 189 6.44 -11.38 11.21
CA VAL A 189 6.54 -12.46 12.19
C VAL A 189 6.54 -11.90 13.60
N VAL A 190 6.90 -10.64 13.77
CA VAL A 190 6.83 -10.05 15.10
C VAL A 190 5.59 -9.16 15.20
N ASP A 191 5.22 -8.47 14.13
CA ASP A 191 4.12 -7.52 14.22
C ASP A 191 2.75 -8.18 14.32
N PHE A 192 2.45 -9.18 13.49
CA PHE A 192 1.10 -9.72 13.51
C PHE A 192 0.77 -10.39 14.84
N PRO A 193 1.63 -11.25 15.41
CA PRO A 193 1.37 -11.78 16.75
C PRO A 193 1.23 -10.76 17.88
N MET A 194 1.77 -9.54 17.70
CA MET A 194 1.70 -8.49 18.70
C MET A 194 0.48 -7.58 18.51
N ALA A 195 -0.10 -7.56 17.31
CA ALA A 195 -1.20 -6.66 17.03
C ALA A 195 -2.34 -6.94 18.00
N ASP A 196 -3.05 -5.90 18.42
CA ASP A 196 -4.32 -6.11 19.09
C ASP A 196 -5.51 -5.75 18.21
N LEU A 197 -5.27 -5.36 16.95
CA LEU A 197 -6.31 -5.14 15.98
C LEU A 197 -5.65 -5.27 14.63
N LEU A 198 -6.33 -5.91 13.69
CA LEU A 198 -5.91 -5.95 12.30
C LEU A 198 -6.94 -5.18 11.51
N LEU A 199 -6.50 -4.18 10.74
CA LEU A 199 -7.36 -3.47 9.81
CA LEU A 199 -7.34 -3.42 9.81
C LEU A 199 -6.92 -3.82 8.40
N ILE A 200 -7.86 -4.23 7.55
CA ILE A 200 -7.59 -4.61 6.17
C ILE A 200 -8.38 -3.62 5.34
N LEU A 201 -7.69 -2.73 4.59
CA LEU A 201 -8.35 -1.61 3.93
C LEU A 201 -8.03 -1.71 2.46
N GLY A 202 -9.07 -1.83 1.64
CA GLY A 202 -8.92 -1.64 0.21
C GLY A 202 -7.95 -2.64 -0.43
N THR A 203 -8.09 -3.93 -0.08
CA THR A 203 -7.27 -4.96 -0.71
C THR A 203 -8.20 -6.13 -0.96
N SER A 204 -8.12 -6.72 -2.18
CA SER A 204 -8.88 -7.90 -2.55
CA SER A 204 -8.91 -7.89 -2.50
C SER A 204 -8.22 -9.15 -1.98
N LEU A 205 -6.98 -9.00 -1.48
CA LEU A 205 -6.28 -10.10 -0.85
C LEU A 205 -6.12 -11.20 -1.90
N GLU A 206 -5.68 -10.80 -3.10
CA GLU A 206 -5.46 -11.75 -4.19
C GLU A 206 -3.97 -11.95 -4.46
N VAL A 207 -3.11 -11.02 -4.03
CA VAL A 207 -1.67 -11.08 -4.29
C VAL A 207 -1.01 -11.78 -3.09
N GLU A 208 -0.50 -13.01 -3.32
CA GLU A 208 0.19 -13.79 -2.31
C GLU A 208 1.69 -13.49 -2.37
N PRO A 209 2.45 -13.62 -1.27
CA PRO A 209 1.95 -14.07 0.04
C PRO A 209 1.32 -13.06 0.99
N PHE A 210 1.18 -11.81 0.54
CA PHE A 210 0.63 -10.77 1.38
C PHE A 210 -0.75 -11.16 1.92
N ALA A 211 -1.61 -11.77 1.07
CA ALA A 211 -2.99 -12.00 1.45
C ALA A 211 -3.10 -12.96 2.64
N SER A 212 -2.10 -13.82 2.84
CA SER A 212 -2.13 -14.87 3.84
C SER A 212 -1.78 -14.37 5.25
N LEU A 213 -1.30 -13.13 5.36
CA LEU A 213 -0.98 -12.56 6.67
C LEU A 213 -2.20 -12.33 7.54
N THR A 214 -3.41 -12.30 6.97
CA THR A 214 -4.58 -12.10 7.80
C THR A 214 -4.71 -13.20 8.85
N GLU A 215 -4.08 -14.37 8.63
CA GLU A 215 -4.16 -15.48 9.59
C GLU A 215 -3.12 -15.37 10.72
N ALA A 216 -2.22 -14.40 10.67
CA ALA A 216 -1.07 -14.41 11.56
C ALA A 216 -1.35 -13.61 12.83
N VAL A 217 -2.53 -12.99 12.95
CA VAL A 217 -2.88 -12.38 14.21
C VAL A 217 -3.41 -13.47 15.14
N ARG A 218 -3.32 -13.18 16.44
CA ARG A 218 -3.80 -14.11 17.45
C ARG A 218 -5.32 -14.32 17.29
N SER A 219 -5.77 -15.51 17.69
CA SER A 219 -7.14 -15.95 17.49
C SER A 219 -8.16 -15.01 18.14
N SER A 220 -7.78 -14.25 19.17
CA SER A 220 -8.69 -13.39 19.92
C SER A 220 -8.73 -11.96 19.35
N VAL A 221 -7.95 -11.67 18.31
CA VAL A 221 -7.80 -10.29 17.88
C VAL A 221 -8.83 -9.97 16.81
N PRO A 222 -9.55 -8.82 16.92
CA PRO A 222 -10.52 -8.45 15.89
C PRO A 222 -9.80 -8.21 14.58
N ARG A 223 -10.48 -8.53 13.49
CA ARG A 223 -10.03 -8.23 12.15
C ARG A 223 -11.13 -7.44 11.48
N LEU A 224 -10.87 -6.20 11.14
CA LEU A 224 -11.82 -5.34 10.49
C LEU A 224 -11.44 -5.13 9.06
N LEU A 225 -12.35 -5.46 8.18
CA LEU A 225 -12.20 -5.35 6.75
C LEU A 225 -13.04 -4.17 6.30
N ILE A 226 -12.45 -3.21 5.59
CA ILE A 226 -13.14 -2.10 4.97
C ILE A 226 -12.80 -2.18 3.49
N ASN A 227 -13.76 -2.59 2.68
CA ASN A 227 -13.51 -3.02 1.31
C ASN A 227 -14.87 -3.15 0.63
N ARG A 228 -14.87 -3.06 -0.70
CA ARG A 228 -16.14 -3.18 -1.41
C ARG A 228 -16.77 -4.54 -1.18
N ASP A 229 -15.95 -5.57 -1.15
CA ASP A 229 -16.40 -6.96 -1.10
C ASP A 229 -15.72 -7.71 0.03
N LEU A 230 -16.35 -8.80 0.46
CA LEU A 230 -15.72 -9.76 1.37
C LEU A 230 -14.66 -10.55 0.62
N VAL A 231 -13.49 -10.69 1.25
CA VAL A 231 -12.32 -11.26 0.63
C VAL A 231 -12.15 -12.68 1.17
N GLY A 232 -11.60 -13.54 0.32
CA GLY A 232 -11.53 -14.96 0.62
C GLY A 232 -10.78 -15.26 1.90
N PRO A 233 -9.51 -14.84 2.04
CA PRO A 233 -8.78 -15.23 3.26
C PRO A 233 -9.58 -15.05 4.55
N LEU A 234 -10.26 -13.91 4.72
CA LEU A 234 -11.06 -13.66 5.91
C LEU A 234 -12.27 -14.59 5.92
N ALA A 235 -12.96 -14.66 4.78
CA ALA A 235 -14.22 -15.40 4.66
C ALA A 235 -14.01 -16.90 4.65
N TRP A 236 -12.98 -17.40 3.96
CA TRP A 236 -12.79 -18.84 3.97
C TRP A 236 -12.69 -19.36 5.39
N HIS A 237 -11.87 -18.67 6.22
CA HIS A 237 -11.54 -19.09 7.57
C HIS A 237 -11.97 -17.99 8.55
N PRO A 238 -13.28 -17.71 8.69
CA PRO A 238 -13.72 -16.60 9.54
C PRO A 238 -13.44 -16.92 11.00
N ARG A 239 -13.26 -15.85 11.77
CA ARG A 239 -13.05 -15.88 13.20
C ARG A 239 -14.14 -15.06 13.88
N SER A 240 -14.29 -15.29 15.19
CA SER A 240 -15.46 -14.80 15.90
C SER A 240 -15.48 -13.28 16.03
N ARG A 241 -14.29 -12.62 15.97
CA ARG A 241 -14.25 -11.18 16.13
C ARG A 241 -13.96 -10.48 14.78
N ASP A 242 -14.34 -11.10 13.67
CA ASP A 242 -14.28 -10.42 12.38
C ASP A 242 -15.44 -9.45 12.18
N VAL A 243 -15.13 -8.31 11.57
CA VAL A 243 -16.09 -7.29 11.24
C VAL A 243 -15.83 -6.87 9.80
N ALA A 244 -16.89 -6.71 9.01
CA ALA A 244 -16.76 -6.31 7.62
C ALA A 244 -17.62 -5.08 7.40
N GLN A 245 -16.99 -3.99 6.96
CA GLN A 245 -17.69 -2.78 6.58
C GLN A 245 -17.59 -2.70 5.07
N LEU A 246 -18.66 -3.19 4.41
CA LEU A 246 -18.60 -3.39 2.98
C LEU A 246 -19.23 -2.22 2.23
N GLY A 247 -18.53 -1.79 1.18
CA GLY A 247 -18.92 -0.62 0.42
C GLY A 247 -17.67 0.12 -0.02
N ASP A 248 -17.89 1.30 -0.59
CA ASP A 248 -16.81 2.16 -1.02
C ASP A 248 -15.87 2.33 0.16
N VAL A 249 -14.58 2.14 -0.08
CA VAL A 249 -13.61 2.22 0.98
CA VAL A 249 -13.59 2.22 0.98
C VAL A 249 -13.58 3.62 1.62
N VAL A 250 -13.73 4.69 0.83
CA VAL A 250 -13.71 6.04 1.40
C VAL A 250 -14.92 6.25 2.32
N HIS A 251 -16.11 5.87 1.88
CA HIS A 251 -17.29 5.97 2.75
C HIS A 251 -17.12 5.09 3.99
N GLY A 252 -16.45 3.95 3.88
CA GLY A 252 -16.26 3.12 5.07
C GLY A 252 -15.35 3.79 6.11
N VAL A 253 -14.24 4.38 5.64
CA VAL A 253 -13.29 5.06 6.49
C VAL A 253 -13.99 6.26 7.08
N GLU A 254 -14.73 7.02 6.26
CA GLU A 254 -15.49 8.17 6.74
C GLU A 254 -16.46 7.78 7.85
N SER A 255 -17.17 6.64 7.71
CA SER A 255 -18.00 6.15 8.79
C SER A 255 -17.18 5.89 10.05
N LEU A 256 -16.02 5.24 9.90
CA LEU A 256 -15.24 4.90 11.07
C LEU A 256 -14.75 6.19 11.75
N VAL A 257 -14.27 7.16 10.96
CA VAL A 257 -13.80 8.43 11.52
C VAL A 257 -14.90 9.12 12.34
N GLU A 258 -16.14 9.07 11.83
CA GLU A 258 -17.31 9.62 12.52
C GLU A 258 -17.51 8.91 13.87
N LEU A 259 -17.53 7.58 13.87
CA LEU A 259 -17.75 6.81 15.09
C LEU A 259 -16.60 7.05 16.08
N LEU A 260 -15.37 7.25 15.57
CA LEU A 260 -14.25 7.51 16.44
C LEU A 260 -14.31 8.89 17.08
N GLY A 261 -15.05 9.82 16.45
CA GLY A 261 -15.07 11.20 16.88
C GLY A 261 -13.90 12.00 16.32
N TRP A 262 -13.37 11.62 15.16
CA TRP A 262 -12.12 12.20 14.67
C TRP A 262 -12.31 13.20 13.53
N THR A 263 -13.54 13.60 13.23
CA THR A 263 -13.82 14.43 12.06
C THR A 263 -13.01 15.72 12.12
N GLU A 264 -12.94 16.35 13.30
CA GLU A 264 -12.29 17.65 13.39
C GLU A 264 -10.78 17.46 13.31
N GLU A 265 -10.26 16.46 14.01
CA GLU A 265 -8.83 16.22 13.97
C GLU A 265 -8.40 15.85 12.55
N MET A 266 -9.23 15.09 11.83
CA MET A 266 -8.97 14.83 10.42
C MET A 266 -8.91 16.12 9.62
N ARG A 267 -9.89 17.02 9.81
CA ARG A 267 -9.85 18.27 9.08
C ARG A 267 -8.58 19.08 9.37
N ASP A 268 -8.18 19.15 10.65
CA ASP A 268 -6.99 19.90 11.05
C ASP A 268 -5.75 19.34 10.34
N LEU A 269 -5.65 18.02 10.35
CA LEU A 269 -4.51 17.33 9.77
C LEU A 269 -4.43 17.63 8.28
N VAL A 270 -5.54 17.40 7.60
CA VAL A 270 -5.55 17.53 6.16
C VAL A 270 -5.22 18.98 5.78
N GLN A 271 -5.79 19.93 6.53
CA GLN A 271 -5.53 21.34 6.28
C GLN A 271 -4.04 21.65 6.44
N ARG A 272 -3.43 21.13 7.50
CA ARG A 272 -2.01 21.32 7.77
C ARG A 272 -1.12 20.72 6.68
N GLU A 273 -1.54 19.60 6.07
CA GLU A 273 -0.68 18.85 5.18
C GLU A 273 -0.76 19.29 3.72
N THR A 274 -1.81 20.04 3.35
CA THR A 274 -2.09 20.31 1.93
C THR A 274 -1.02 21.20 1.30
N GLY A 275 -0.56 22.22 2.03
CA GLY A 275 0.46 23.13 1.56
C GLY A 275 1.69 22.41 1.00
N LYS A 276 2.11 21.36 1.70
CA LYS A 276 3.33 20.62 1.39
C LYS A 276 3.26 20.05 -0.03
N LEU A 277 2.03 19.85 -0.54
CA LEU A 277 1.82 19.15 -1.80
C LEU A 277 1.29 20.12 -2.88
N GLN B 1 14.89 -15.41 1.16
CA GLN B 1 13.76 -14.53 1.55
C GLN B 1 12.53 -14.89 0.71
N PRO B 2 11.28 -14.76 1.23
CA PRO B 2 10.09 -15.27 0.53
C PRO B 2 9.75 -14.48 -0.74
N LYS B 3 9.16 -15.03 -1.83
CA LYS B 3 9.11 -14.44 -3.16
C LYS B 3 7.73 -13.85 -3.44
#